data_2V2Q
#
_entry.id   2V2Q
#
_cell.length_a   137.038
_cell.length_b   137.038
_cell.length_c   137.038
_cell.angle_alpha   90.00
_cell.angle_beta   90.00
_cell.angle_gamma   90.00
#
_symmetry.space_group_name_H-M   'P 21 3'
#
loop_
_entity.id
_entity.type
_entity.pdbx_description
1 polymer '4-DIPHOSPHOCYTIDYL-2-C-METHYL-D-ERYTHRITOL KINASE'
2 non-polymer 'BROMIDE ION'
3 non-polymer GLYCEROL
4 non-polymer 4-AMINO-1-(5-{[3-(1H-BENZIMIDAZOL-2-YL)PROPANOYL]AMINO}-5-DEOXY-ALPHA-L-LYXOFURANOSYL)PYRIMIDIN-2(1H)-ONE
5 non-polymer 'SULFATE ION'
6 water water
#
_entity_poly.entity_id   1
_entity_poly.type   'polypeptide(L)'
_entity_poly.pdbx_seq_one_letter_code
;GSHMIKVLSPAKINLGLWVLGRLPSGYHEILTLYQEIPFYDEIYIREGVLRVETNIGIPQEENLVYKGLREFERITGIEI
NYSIFIQKNIPPGAGLGGGSSNLAVVLKKVNELLGSPLSEEELRELVGSISADAPFFLLGKSAIGRGKGEVLEPVETEIS
GKITLVIPQVSSSTGRVYSSLREEHFVTPEYAEEKIQRIISGEVEEIENVLGDIARELYPEINEVYRFVEYLGFKPFVSG
SGSTVYFFGGASEELKKAAKMRGWKVVELEL
;
_entity_poly.pdbx_strand_id   A,B
#
# COMPACT_ATOMS: atom_id res chain seq x y z
N HIS A 3 -1.76 -52.65 1.70
CA HIS A 3 -2.37 -51.89 0.56
C HIS A 3 -1.95 -50.40 0.62
N MET A 4 -0.64 -50.18 0.78
CA MET A 4 -0.10 -48.84 1.04
C MET A 4 -0.26 -47.87 -0.14
N ILE A 5 -0.68 -46.65 0.19
CA ILE A 5 -0.75 -45.57 -0.79
C ILE A 5 0.08 -44.36 -0.35
N LYS A 6 0.46 -43.55 -1.33
CA LYS A 6 1.14 -42.29 -1.04
C LYS A 6 0.24 -41.12 -1.39
N VAL A 7 0.19 -40.14 -0.49
CA VAL A 7 -0.52 -38.89 -0.75
C VAL A 7 0.41 -37.67 -0.50
N LEU A 8 0.41 -36.74 -1.44
CA LEU A 8 1.16 -35.50 -1.30
C LEU A 8 0.41 -34.46 -0.48
N SER A 9 1.15 -33.80 0.40
CA SER A 9 0.60 -32.78 1.27
C SER A 9 1.33 -31.46 0.96
N PRO A 10 0.68 -30.54 0.20
CA PRO A 10 1.36 -29.32 -0.23
C PRO A 10 1.48 -28.24 0.84
N ALA A 11 2.43 -27.32 0.65
CA ALA A 11 2.59 -26.17 1.53
C ALA A 11 1.76 -24.98 1.03
N LYS A 12 1.66 -23.95 1.86
CA LYS A 12 1.14 -22.65 1.40
C LYS A 12 2.12 -21.53 1.72
N ILE A 13 1.95 -20.40 1.04
CA ILE A 13 2.48 -19.13 1.50
C ILE A 13 1.34 -18.14 1.65
N ASN A 14 1.51 -17.17 2.54
CA ASN A 14 0.64 -16.00 2.55
C ASN A 14 1.19 -14.92 1.65
N LEU A 15 0.42 -14.54 0.65
CA LEU A 15 0.74 -13.40 -0.19
C LEU A 15 0.14 -12.16 0.44
N GLY A 16 0.64 -11.84 1.63
CA GLY A 16 0.14 -10.71 2.39
C GLY A 16 -0.80 -11.16 3.49
N LEU A 17 -0.73 -10.45 4.61
CA LEU A 17 -1.57 -10.72 5.77
C LEU A 17 -1.82 -9.47 6.59
N TRP A 18 -3.06 -9.30 7.02
CA TRP A 18 -3.48 -8.15 7.80
C TRP A 18 -4.27 -8.60 8.99
N VAL A 19 -4.06 -7.95 10.12
CA VAL A 19 -4.79 -8.25 11.34
C VAL A 19 -5.82 -7.13 11.58
N LEU A 20 -7.08 -7.51 11.67
CA LEU A 20 -8.17 -6.54 11.83
C LEU A 20 -8.39 -6.17 13.31
N GLY A 21 -8.19 -7.16 14.17
CA GLY A 21 -8.29 -6.93 15.61
C GLY A 21 -8.32 -8.21 16.43
N ARG A 22 -8.67 -8.05 17.69
CA ARG A 22 -8.78 -9.17 18.62
C ARG A 22 -10.20 -9.74 18.62
N LEU A 23 -10.31 -11.04 18.88
CA LEU A 23 -11.58 -11.68 19.15
C LEU A 23 -11.62 -12.12 20.62
N PRO A 24 -12.83 -12.25 21.23
CA PRO A 24 -12.93 -12.69 22.62
C PRO A 24 -12.21 -14.02 22.88
N SER A 25 -12.34 -14.95 21.94
CA SER A 25 -11.72 -16.29 22.04
C SER A 25 -10.19 -16.27 22.18
N GLY A 26 -9.61 -15.07 22.15
CA GLY A 26 -8.15 -14.90 22.27
C GLY A 26 -7.48 -14.76 20.91
N TYR A 27 -8.07 -15.42 19.91
CA TYR A 27 -7.63 -15.36 18.53
C TYR A 27 -7.83 -13.98 17.90
N HIS A 28 -7.56 -13.88 16.60
CA HIS A 28 -7.58 -12.60 15.89
C HIS A 28 -8.28 -12.74 14.56
N GLU A 29 -9.04 -11.71 14.20
CA GLU A 29 -9.62 -11.68 12.86
C GLU A 29 -8.57 -11.13 11.90
N ILE A 30 -8.46 -11.79 10.75
CA ILE A 30 -7.39 -11.51 9.81
C ILE A 30 -7.92 -11.47 8.38
N LEU A 31 -7.15 -10.85 7.49
CA LEU A 31 -7.33 -11.03 6.05
C LEU A 31 -6.00 -11.48 5.45
N THR A 32 -6.05 -12.50 4.59
CA THR A 32 -4.85 -13.04 3.99
C THR A 32 -5.15 -13.65 2.63
N LEU A 33 -4.15 -13.66 1.76
CA LEU A 33 -4.24 -14.40 0.52
C LEU A 33 -3.36 -15.66 0.60
N TYR A 34 -4.01 -16.82 0.66
CA TYR A 34 -3.33 -18.13 0.59
C TYR A 34 -2.96 -18.51 -0.84
N GLN A 35 -1.74 -19.01 -1.00
CA GLN A 35 -1.28 -19.59 -2.25
C GLN A 35 -0.66 -20.97 -2.01
N GLU A 36 -1.26 -21.99 -2.62
CA GLU A 36 -0.69 -23.33 -2.60
C GLU A 36 0.59 -23.33 -3.43
N ILE A 37 1.62 -23.97 -2.90
CA ILE A 37 2.90 -24.01 -3.60
C ILE A 37 3.33 -25.46 -3.85
N PRO A 38 4.05 -25.71 -4.97
CA PRO A 38 4.42 -27.08 -5.29
C PRO A 38 5.57 -27.63 -4.42
N PHE A 39 5.30 -27.75 -3.12
CA PHE A 39 6.29 -28.11 -2.12
C PHE A 39 5.54 -29.00 -1.13
N TYR A 40 5.98 -30.25 -1.02
CA TYR A 40 5.16 -31.31 -0.41
C TYR A 40 5.83 -32.13 0.69
N ASP A 41 5.04 -32.50 1.69
CA ASP A 41 5.36 -33.67 2.49
C ASP A 41 4.81 -34.88 1.75
N GLU A 42 5.48 -36.03 1.85
CA GLU A 42 4.87 -37.24 1.30
C GLU A 42 4.37 -38.14 2.43
N ILE A 43 3.10 -38.51 2.32
CA ILE A 43 2.43 -39.24 3.39
C ILE A 43 2.09 -40.63 2.91
N TYR A 44 2.60 -41.62 3.62
CA TYR A 44 2.35 -43.01 3.30
C TYR A 44 1.30 -43.56 4.24
N ILE A 45 0.20 -44.01 3.66
CA ILE A 45 -0.94 -44.51 4.43
C ILE A 45 -1.08 -46.01 4.17
N ARG A 46 -1.22 -46.75 5.26
CA ARG A 46 -1.23 -48.21 5.24
C ARG A 46 -2.30 -48.68 6.21
N GLU A 47 -2.93 -49.80 5.89
CA GLU A 47 -3.88 -50.44 6.78
C GLU A 47 -3.13 -51.03 7.98
N GLY A 48 -3.67 -50.80 9.17
CA GLY A 48 -3.06 -51.30 10.42
C GLY A 48 -3.47 -50.52 11.66
N VAL A 49 -2.82 -50.79 12.77
CA VAL A 49 -3.09 -50.10 14.04
C VAL A 49 -2.89 -48.59 13.91
N LEU A 50 -3.87 -47.81 14.38
CA LEU A 50 -3.82 -46.36 14.32
C LEU A 50 -2.48 -45.83 14.83
N ARG A 51 -1.70 -45.28 13.90
CA ARG A 51 -0.35 -44.80 14.17
C ARG A 51 -0.11 -43.57 13.30
N VAL A 52 0.52 -42.54 13.87
CA VAL A 52 0.98 -41.39 13.10
C VAL A 52 2.43 -41.09 13.45
N GLU A 53 3.32 -41.29 12.48
CA GLU A 53 4.76 -41.11 12.66
CA GLU A 53 4.75 -41.08 12.67
C GLU A 53 5.36 -40.15 11.64
N THR A 54 6.45 -39.49 12.02
CA THR A 54 7.20 -38.62 11.10
C THR A 54 8.69 -38.99 11.14
N ASN A 55 9.43 -38.45 10.18
CA ASN A 55 10.88 -38.61 10.13
C ASN A 55 11.65 -37.56 10.93
N ILE A 56 10.93 -36.76 11.71
CA ILE A 56 11.54 -35.65 12.44
C ILE A 56 11.17 -35.60 13.92
N GLY A 57 10.56 -36.68 14.42
CA GLY A 57 10.36 -36.88 15.85
C GLY A 57 9.28 -36.06 16.55
N ILE A 58 8.21 -35.75 15.82
CA ILE A 58 7.02 -35.16 16.44
C ILE A 58 6.27 -36.26 17.17
N PRO A 59 6.01 -36.08 18.48
CA PRO A 59 5.27 -37.09 19.25
C PRO A 59 3.86 -37.29 18.73
N GLN A 60 3.42 -38.54 18.68
CA GLN A 60 2.10 -38.90 18.15
C GLN A 60 0.95 -38.09 18.74
N GLU A 61 0.95 -37.97 20.08
CA GLU A 61 -0.08 -37.22 20.80
C GLU A 61 -0.17 -35.76 20.39
N GLU A 62 0.95 -35.20 19.95
CA GLU A 62 1.04 -33.79 19.55
C GLU A 62 0.76 -33.57 18.06
N ASN A 63 0.71 -34.65 17.29
CA ASN A 63 0.56 -34.56 15.84
C ASN A 63 -0.88 -34.25 15.48
N LEU A 64 -1.07 -33.15 14.74
CA LEU A 64 -2.41 -32.70 14.29
C LEU A 64 -3.19 -33.77 13.55
N VAL A 65 -2.49 -34.60 12.79
CA VAL A 65 -3.11 -35.70 12.05
C VAL A 65 -3.70 -36.74 13.02
N TYR A 66 -2.95 -37.07 14.07
CA TYR A 66 -3.43 -37.99 15.10
C TYR A 66 -4.61 -37.41 15.87
N LYS A 67 -4.54 -36.12 16.20
CA LYS A 67 -5.63 -35.41 16.84
C LYS A 67 -6.90 -35.45 15.99
N GLY A 68 -6.72 -35.25 14.68
CA GLY A 68 -7.83 -35.26 13.73
C GLY A 68 -8.47 -36.62 13.55
N LEU A 69 -7.65 -37.67 13.54
CA LEU A 69 -8.15 -39.04 13.35
C LEU A 69 -8.86 -39.57 14.60
N ARG A 70 -8.42 -39.14 15.78
CA ARG A 70 -9.09 -39.48 17.04
C ARG A 70 -10.47 -38.83 17.11
N GLU A 71 -10.54 -37.57 16.70
CA GLU A 71 -11.81 -36.85 16.62
C GLU A 71 -12.73 -37.41 15.55
N PHE A 72 -12.15 -37.90 14.45
CA PHE A 72 -12.90 -38.60 13.42
C PHE A 72 -13.63 -39.81 14.03
N GLU A 73 -12.89 -40.70 14.69
CA GLU A 73 -13.44 -41.83 15.46
C GLU A 73 -14.55 -41.40 16.40
N ARG A 74 -14.27 -40.36 17.19
CA ARG A 74 -15.14 -39.86 18.24
C ARG A 74 -16.48 -39.37 17.68
N ILE A 75 -16.41 -38.51 16.68
CA ILE A 75 -17.60 -37.91 16.04
C ILE A 75 -18.44 -38.93 15.28
N THR A 76 -17.78 -39.83 14.56
CA THR A 76 -18.45 -40.68 13.57
C THR A 76 -18.76 -42.11 14.08
N GLY A 77 -18.14 -42.51 15.18
CA GLY A 77 -18.34 -43.85 15.73
C GLY A 77 -17.39 -44.90 15.19
N ILE A 78 -17.04 -44.78 13.90
CA ILE A 78 -16.16 -45.72 13.21
C ILE A 78 -14.75 -45.71 13.82
N GLU A 79 -14.14 -46.90 13.90
CA GLU A 79 -12.79 -47.07 14.45
C GLU A 79 -11.77 -47.07 13.29
N ILE A 80 -10.80 -46.16 13.36
CA ILE A 80 -9.82 -45.96 12.28
C ILE A 80 -8.63 -46.90 12.38
N ASN A 81 -8.45 -47.72 11.35
CA ASN A 81 -7.33 -48.66 11.29
C ASN A 81 -6.34 -48.32 10.18
N TYR A 82 -5.62 -47.21 10.35
CA TYR A 82 -4.59 -46.80 9.40
C TYR A 82 -3.30 -46.35 10.08
N SER A 83 -2.17 -46.85 9.55
CA SER A 83 -0.83 -46.49 9.98
C SER A 83 -0.26 -45.40 9.05
N ILE A 84 0.01 -44.23 9.62
CA ILE A 84 0.46 -43.05 8.86
C ILE A 84 1.93 -42.73 9.08
N PHE A 85 2.70 -42.65 8.00
CA PHE A 85 4.05 -42.11 8.08
C PHE A 85 4.19 -40.90 7.15
N ILE A 86 4.62 -39.78 7.72
CA ILE A 86 4.77 -38.52 7.00
C ILE A 86 6.25 -38.17 6.90
N GLN A 87 6.75 -38.06 5.67
CA GLN A 87 8.09 -37.53 5.44
C GLN A 87 7.98 -36.01 5.35
N LYS A 88 8.52 -35.34 6.36
CA LYS A 88 8.36 -33.89 6.55
C LYS A 88 9.39 -33.06 5.82
N ASN A 89 9.08 -32.68 4.59
CA ASN A 89 9.89 -31.72 3.86
C ASN A 89 9.55 -30.29 4.25
N ILE A 90 8.30 -30.08 4.68
CA ILE A 90 7.84 -28.76 5.07
C ILE A 90 8.11 -28.63 6.56
N PRO A 91 9.10 -27.79 6.94
CA PRO A 91 9.51 -27.72 8.34
C PRO A 91 8.46 -27.06 9.23
N PRO A 92 8.25 -27.60 10.45
CA PRO A 92 7.30 -26.97 11.37
C PRO A 92 7.82 -25.63 11.84
N GLY A 93 6.92 -24.65 12.01
CA GLY A 93 7.31 -23.31 12.44
C GLY A 93 7.86 -22.45 11.32
N ALA A 94 7.63 -22.87 10.08
CA ALA A 94 8.17 -22.19 8.91
C ALA A 94 7.15 -21.26 8.25
N GLY A 95 5.92 -21.24 8.75
CA GLY A 95 4.86 -20.38 8.22
C GLY A 95 4.27 -20.88 6.92
N LEU A 96 4.46 -22.15 6.64
CA LEU A 96 4.01 -22.76 5.39
C LEU A 96 2.83 -23.72 5.57
N GLY A 97 2.31 -23.81 6.79
CA GLY A 97 1.12 -24.62 7.07
C GLY A 97 1.28 -26.13 6.93
N GLY A 98 2.50 -26.63 7.08
CA GLY A 98 2.78 -28.07 6.91
C GLY A 98 1.87 -29.02 7.67
N GLY A 99 1.71 -28.78 8.96
CA GLY A 99 0.87 -29.61 9.82
C GLY A 99 -0.61 -29.53 9.50
N SER A 100 -1.07 -28.34 9.12
CA SER A 100 -2.47 -28.11 8.73
C SER A 100 -2.77 -28.80 7.41
N SER A 101 -1.78 -28.79 6.52
CA SER A 101 -1.87 -29.52 5.27
C SER A 101 -1.94 -31.02 5.51
N ASN A 102 -1.08 -31.53 6.40
CA ASN A 102 -1.09 -32.95 6.76
C ASN A 102 -2.46 -33.39 7.24
N LEU A 103 -3.04 -32.61 8.16
CA LEU A 103 -4.37 -32.84 8.72
C LEU A 103 -5.46 -32.89 7.64
N ALA A 104 -5.56 -31.83 6.83
CA ALA A 104 -6.55 -31.78 5.76
C ALA A 104 -6.46 -32.95 4.77
N VAL A 105 -5.28 -33.22 4.23
CA VAL A 105 -5.15 -34.24 3.18
C VAL A 105 -5.33 -35.68 3.67
N VAL A 106 -4.87 -35.96 4.88
CA VAL A 106 -5.03 -37.29 5.49
C VAL A 106 -6.50 -37.55 5.82
N LEU A 107 -7.11 -36.62 6.54
CA LEU A 107 -8.51 -36.76 6.92
C LEU A 107 -9.49 -36.75 5.74
N LYS A 108 -9.14 -36.07 4.65
CA LYS A 108 -9.93 -36.14 3.42
C LYS A 108 -9.78 -37.52 2.78
N LYS A 109 -8.57 -38.06 2.78
CA LYS A 109 -8.30 -39.38 2.22
C LYS A 109 -8.98 -40.50 3.03
N VAL A 110 -8.74 -40.50 4.34
CA VAL A 110 -9.30 -41.50 5.24
C VAL A 110 -10.83 -41.48 5.22
N ASN A 111 -11.41 -40.27 5.15
CA ASN A 111 -12.86 -40.11 4.98
C ASN A 111 -13.38 -40.79 3.70
N GLU A 112 -12.67 -40.59 2.58
CA GLU A 112 -13.04 -41.22 1.31
C GLU A 112 -12.88 -42.74 1.37
N LEU A 113 -11.76 -43.20 1.94
CA LEU A 113 -11.46 -44.62 2.12
C LEU A 113 -12.51 -45.36 2.94
N LEU A 114 -13.27 -44.62 3.74
CA LEU A 114 -14.30 -45.19 4.62
C LEU A 114 -15.72 -44.87 4.13
N GLY A 115 -15.88 -44.72 2.82
CA GLY A 115 -17.19 -44.49 2.21
C GLY A 115 -17.82 -43.12 2.46
N SER A 116 -16.99 -42.11 2.72
CA SER A 116 -17.42 -40.72 2.94
C SER A 116 -18.52 -40.53 4.02
N PRO A 117 -18.25 -40.98 5.28
CA PRO A 117 -19.22 -40.77 6.35
C PRO A 117 -19.53 -39.30 6.61
N LEU A 118 -18.53 -38.44 6.40
CA LEU A 118 -18.68 -37.01 6.62
C LEU A 118 -18.77 -36.26 5.30
N SER A 119 -19.60 -35.22 5.29
CA SER A 119 -19.75 -34.34 4.13
CA SER A 119 -19.73 -34.36 4.12
C SER A 119 -18.57 -33.39 4.06
N GLU A 120 -18.40 -32.72 2.92
CA GLU A 120 -17.31 -31.76 2.77
C GLU A 120 -17.51 -30.56 3.70
N GLU A 121 -18.76 -30.31 4.09
CA GLU A 121 -19.09 -29.30 5.10
C GLU A 121 -18.61 -29.73 6.50
N GLU A 122 -18.83 -31.01 6.82
CA GLU A 122 -18.47 -31.59 8.12
C GLU A 122 -16.97 -31.84 8.28
N LEU A 123 -16.34 -32.30 7.18
CA LEU A 123 -14.90 -32.46 7.13
C LEU A 123 -14.21 -31.12 7.36
N ARG A 124 -14.74 -30.08 6.72
CA ARG A 124 -14.27 -28.70 6.88
C ARG A 124 -14.33 -28.25 8.34
N GLU A 125 -15.45 -28.59 9.00
CA GLU A 125 -15.67 -28.27 10.42
CA GLU A 125 -15.64 -28.25 10.41
CA GLU A 125 -15.64 -28.25 10.40
C GLU A 125 -14.66 -29.01 11.30
N LEU A 126 -14.48 -30.30 11.02
CA LEU A 126 -13.54 -31.17 11.74
C LEU A 126 -12.10 -30.63 11.69
N VAL A 127 -11.54 -30.48 10.48
CA VAL A 127 -10.16 -29.95 10.34
C VAL A 127 -10.02 -28.50 10.82
N GLY A 128 -11.05 -27.69 10.57
CA GLY A 128 -11.05 -26.28 10.93
C GLY A 128 -10.99 -26.02 12.43
N SER A 129 -11.57 -26.96 13.19
CA SER A 129 -11.60 -26.87 14.65
C SER A 129 -10.21 -27.08 15.27
N ILE A 130 -9.34 -27.78 14.54
CA ILE A 130 -7.97 -28.04 14.99
C ILE A 130 -6.97 -26.99 14.49
N SER A 131 -7.13 -26.57 13.23
CA SER A 131 -6.30 -25.52 12.66
C SER A 131 -7.08 -24.63 11.67
N ALA A 132 -7.02 -23.32 11.89
CA ALA A 132 -7.69 -22.35 11.01
C ALA A 132 -7.13 -22.34 9.58
N ASP A 133 -5.87 -22.76 9.43
CA ASP A 133 -5.24 -22.88 8.11
C ASP A 133 -5.57 -24.18 7.39
N ALA A 134 -6.09 -25.17 8.12
CA ALA A 134 -6.38 -26.49 7.54
C ALA A 134 -7.47 -26.52 6.46
N PRO A 135 -8.60 -25.81 6.66
CA PRO A 135 -9.62 -25.78 5.61
C PRO A 135 -9.12 -25.32 4.26
N PHE A 136 -8.18 -24.37 4.22
CA PHE A 136 -7.61 -23.96 2.93
C PHE A 136 -7.07 -25.15 2.13
N PHE A 137 -6.49 -26.12 2.82
CA PHE A 137 -5.87 -27.27 2.16
C PHE A 137 -6.87 -28.27 1.60
N LEU A 138 -8.14 -28.11 1.97
CA LEU A 138 -9.21 -28.90 1.37
C LEU A 138 -9.57 -28.39 -0.03
N LEU A 139 -9.20 -27.15 -0.36
CA LEU A 139 -9.41 -26.62 -1.71
C LEU A 139 -8.12 -26.37 -2.50
N GLY A 140 -7.11 -25.80 -1.84
CA GLY A 140 -5.83 -25.50 -2.47
C GLY A 140 -5.91 -24.34 -3.43
N LYS A 141 -5.00 -24.32 -4.40
CA LYS A 141 -4.86 -23.24 -5.38
C LYS A 141 -4.67 -21.87 -4.70
N SER A 142 -5.51 -20.89 -5.03
CA SER A 142 -5.47 -19.56 -4.45
C SER A 142 -6.81 -19.23 -3.77
N ALA A 143 -6.76 -18.70 -2.55
CA ALA A 143 -7.98 -18.35 -1.83
C ALA A 143 -7.78 -17.19 -0.86
N ILE A 144 -8.76 -16.28 -0.79
CA ILE A 144 -8.78 -15.29 0.28
C ILE A 144 -9.29 -15.90 1.57
N GLY A 145 -8.52 -15.68 2.64
CA GLY A 145 -8.87 -16.21 3.95
C GLY A 145 -9.35 -15.10 4.83
N ARG A 146 -10.57 -15.25 5.33
CA ARG A 146 -11.19 -14.26 6.20
C ARG A 146 -11.60 -14.98 7.47
N GLY A 147 -12.10 -14.21 8.43
CA GLY A 147 -12.46 -14.73 9.75
C GLY A 147 -11.18 -14.95 10.53
N LYS A 148 -10.88 -16.21 10.83
CA LYS A 148 -9.59 -16.57 11.41
C LYS A 148 -8.69 -17.19 10.33
N GLY A 149 -9.23 -17.28 9.12
CA GLY A 149 -8.53 -17.82 7.96
C GLY A 149 -9.34 -18.91 7.30
N GLU A 150 -10.32 -19.42 8.03
CA GLU A 150 -11.14 -20.56 7.60
C GLU A 150 -12.29 -20.20 6.66
N VAL A 151 -12.68 -18.93 6.64
CA VAL A 151 -13.75 -18.47 5.77
C VAL A 151 -13.09 -18.10 4.45
N LEU A 152 -13.30 -18.93 3.44
CA LEU A 152 -12.44 -18.92 2.26
C LEU A 152 -13.17 -18.55 0.98
N GLU A 153 -12.51 -17.75 0.16
CA GLU A 153 -13.03 -17.37 -1.14
C GLU A 153 -11.98 -17.64 -2.22
N PRO A 154 -12.23 -18.64 -3.08
CA PRO A 154 -11.30 -18.97 -4.17
C PRO A 154 -11.18 -17.81 -5.16
N VAL A 155 -9.96 -17.59 -5.66
CA VAL A 155 -9.68 -16.53 -6.62
C VAL A 155 -8.69 -16.99 -7.69
N GLU A 156 -8.59 -16.23 -8.76
CA GLU A 156 -7.57 -16.42 -9.78
C GLU A 156 -6.60 -15.26 -9.66
N THR A 157 -5.31 -15.56 -9.57
CA THR A 157 -4.30 -14.52 -9.49
C THR A 157 -3.57 -14.35 -10.83
N GLU A 158 -2.94 -13.21 -11.01
CA GLU A 158 -2.10 -12.99 -12.18
C GLU A 158 -0.62 -13.22 -11.84
N ILE A 159 -0.37 -13.90 -10.73
CA ILE A 159 0.98 -14.19 -10.25
C ILE A 159 1.50 -15.55 -10.78
N SER A 160 2.59 -15.49 -11.55
CA SER A 160 3.32 -16.69 -11.99
C SER A 160 4.85 -16.46 -11.96
N GLY A 161 5.62 -17.50 -12.29
CA GLY A 161 7.07 -17.40 -12.38
C GLY A 161 7.80 -17.90 -11.16
N LYS A 162 9.09 -17.60 -11.09
CA LYS A 162 9.96 -18.09 -10.02
C LYS A 162 9.60 -17.53 -8.66
N ILE A 163 9.56 -18.42 -7.68
CA ILE A 163 9.53 -18.03 -6.28
C ILE A 163 10.52 -18.89 -5.51
N THR A 164 11.35 -18.25 -4.70
CA THR A 164 12.33 -18.94 -3.87
C THR A 164 12.02 -18.73 -2.39
N LEU A 165 11.94 -19.85 -1.66
CA LEU A 165 11.80 -19.84 -0.22
C LEU A 165 13.15 -19.95 0.44
N VAL A 166 13.35 -19.18 1.49
CA VAL A 166 14.54 -19.28 2.32
C VAL A 166 14.08 -19.47 3.76
N ILE A 167 14.27 -20.69 4.26
CA ILE A 167 13.76 -21.07 5.56
C ILE A 167 14.92 -21.21 6.54
N PRO A 168 14.99 -20.33 7.56
CA PRO A 168 16.06 -20.49 8.53
C PRO A 168 15.73 -21.63 9.49
N GLN A 169 16.70 -22.10 10.26
CA GLN A 169 16.46 -23.21 11.18
C GLN A 169 15.64 -22.85 12.43
N VAL A 170 15.38 -21.57 12.64
CA VAL A 170 14.51 -21.14 13.75
C VAL A 170 13.03 -21.51 13.48
N SER A 171 12.37 -21.97 14.53
CA SER A 171 10.95 -22.29 14.47
C SER A 171 10.13 -21.16 15.11
N SER A 172 9.32 -20.48 14.29
CA SER A 172 8.48 -19.40 14.78
C SER A 172 7.22 -19.96 15.42
N SER A 173 6.95 -19.51 16.64
CA SER A 173 5.70 -19.80 17.33
C SER A 173 4.65 -18.79 16.89
N THR A 174 3.64 -19.29 16.18
CA THR A 174 2.52 -18.48 15.69
C THR A 174 1.85 -17.72 16.84
N GLY A 175 1.63 -18.42 17.95
CA GLY A 175 1.02 -17.84 19.14
C GLY A 175 1.82 -16.74 19.81
N ARG A 176 3.15 -16.92 19.89
CA ARG A 176 4.01 -15.86 20.43
C ARG A 176 4.03 -14.61 19.55
N VAL A 177 3.95 -14.80 18.22
CA VAL A 177 3.92 -13.66 17.30
C VAL A 177 2.61 -12.85 17.42
N TYR A 178 1.47 -13.56 17.38
CA TYR A 178 0.15 -12.93 17.57
C TYR A 178 0.00 -12.25 18.94
N SER A 179 0.74 -12.73 19.95
CA SER A 179 0.66 -12.20 21.33
C SER A 179 1.46 -10.92 21.50
N SER A 180 2.32 -10.61 20.53
CA SER A 180 3.15 -9.42 20.56
CA SER A 180 3.14 -9.41 20.57
C SER A 180 2.47 -8.26 19.81
N LEU A 181 1.28 -8.52 19.29
CA LEU A 181 0.47 -7.54 18.57
C LEU A 181 0.02 -6.37 19.47
N ARG A 182 0.09 -5.15 18.92
CA ARG A 182 -0.38 -3.93 19.60
C ARG A 182 -1.44 -3.27 18.71
N GLU A 183 -2.10 -2.22 19.22
CA GLU A 183 -3.18 -1.53 18.50
CA GLU A 183 -3.18 -1.54 18.51
C GLU A 183 -2.70 -0.98 17.17
N GLU A 184 -1.48 -0.46 17.17
CA GLU A 184 -0.83 0.12 15.98
C GLU A 184 -0.66 -0.86 14.81
N HIS A 185 -0.70 -2.16 15.09
CA HIS A 185 -0.52 -3.18 14.05
C HIS A 185 -1.78 -3.50 13.27
N PHE A 186 -2.93 -3.12 13.80
CA PHE A 186 -4.23 -3.46 13.21
C PHE A 186 -4.59 -2.48 12.08
N VAL A 187 -5.32 -2.99 11.08
CA VAL A 187 -5.82 -2.13 10.01
C VAL A 187 -7.34 -2.31 9.85
N THR A 188 -7.97 -1.43 9.10
CA THR A 188 -9.38 -1.62 8.73
C THR A 188 -9.48 -2.69 7.65
N PRO A 189 -10.62 -3.43 7.61
CA PRO A 189 -10.80 -4.44 6.58
C PRO A 189 -10.83 -3.86 5.17
N GLU A 190 -11.25 -2.59 5.03
CA GLU A 190 -11.28 -1.90 3.75
C GLU A 190 -9.87 -1.71 3.18
N TYR A 191 -8.96 -1.21 4.01
CA TYR A 191 -7.56 -1.05 3.62
C TYR A 191 -6.99 -2.37 3.09
N ALA A 192 -7.14 -3.42 3.90
CA ALA A 192 -6.65 -4.76 3.57
C ALA A 192 -7.29 -5.35 2.31
N GLU A 193 -8.61 -5.16 2.15
CA GLU A 193 -9.31 -5.64 0.94
C GLU A 193 -8.79 -5.01 -0.34
N GLU A 194 -8.46 -3.72 -0.29
CA GLU A 194 -7.87 -3.02 -1.43
C GLU A 194 -6.50 -3.62 -1.76
N LYS A 195 -5.69 -3.84 -0.73
CA LYS A 195 -4.37 -4.47 -0.88
C LYS A 195 -4.45 -5.84 -1.53
N ILE A 196 -5.35 -6.70 -1.03
CA ILE A 196 -5.51 -8.06 -1.55
C ILE A 196 -5.89 -8.09 -3.01
N GLN A 197 -6.79 -7.18 -3.41
CA GLN A 197 -7.22 -7.02 -4.81
CA GLN A 197 -7.19 -7.10 -4.81
C GLN A 197 -6.02 -6.75 -5.72
N ARG A 198 -5.15 -5.85 -5.26
CA ARG A 198 -3.98 -5.46 -6.05
C ARG A 198 -3.01 -6.62 -6.22
N ILE A 199 -2.76 -7.36 -5.14
CA ILE A 199 -1.89 -8.55 -5.19
C ILE A 199 -2.47 -9.61 -6.12
N ILE A 200 -3.78 -9.84 -6.00
CA ILE A 200 -4.47 -10.78 -6.90
C ILE A 200 -4.26 -10.42 -8.37
N SER A 201 -4.24 -9.12 -8.68
CA SER A 201 -4.02 -8.65 -10.05
C SER A 201 -2.55 -8.70 -10.46
N GLY A 202 -1.69 -9.17 -9.56
CA GLY A 202 -0.28 -9.39 -9.90
C GLY A 202 0.68 -8.36 -9.33
N GLU A 203 0.16 -7.47 -8.50
CA GLU A 203 1.01 -6.43 -7.89
C GLU A 203 1.64 -6.94 -6.61
N VAL A 204 2.71 -7.73 -6.77
CA VAL A 204 3.37 -8.40 -5.65
C VAL A 204 4.04 -7.41 -4.71
N GLU A 205 4.41 -6.25 -5.25
CA GLU A 205 4.98 -5.15 -4.49
CA GLU A 205 4.97 -5.15 -4.47
C GLU A 205 4.03 -4.73 -3.33
N GLU A 206 2.74 -5.02 -3.51
CA GLU A 206 1.71 -4.65 -2.52
C GLU A 206 1.62 -5.59 -1.32
N ILE A 207 2.31 -6.73 -1.38
CA ILE A 207 2.36 -7.66 -0.26
C ILE A 207 3.00 -7.00 0.96
N GLU A 208 2.35 -7.15 2.11
CA GLU A 208 2.91 -6.80 3.41
C GLU A 208 2.31 -7.76 4.44
N ASN A 209 2.88 -7.78 5.63
CA ASN A 209 2.52 -8.76 6.64
C ASN A 209 3.09 -8.38 8.00
N VAL A 210 2.24 -7.82 8.87
CA VAL A 210 2.67 -7.34 10.19
C VAL A 210 3.20 -8.45 11.10
N LEU A 211 2.72 -9.69 10.92
CA LEU A 211 3.25 -10.81 11.70
C LEU A 211 4.72 -11.09 11.34
N GLY A 212 5.07 -10.83 10.08
CA GLY A 212 6.46 -10.87 9.61
C GLY A 212 7.34 -9.81 10.23
N ASP A 213 6.82 -8.57 10.31
CA ASP A 213 7.50 -7.48 10.99
C ASP A 213 7.87 -7.87 12.42
N ILE A 214 6.90 -8.44 13.13
CA ILE A 214 7.06 -8.84 14.52
C ILE A 214 7.98 -10.06 14.67
N ALA A 215 7.78 -11.06 13.81
CA ALA A 215 8.61 -12.26 13.79
C ALA A 215 10.10 -11.92 13.60
N ARG A 216 10.37 -10.91 12.77
CA ARG A 216 11.73 -10.43 12.54
C ARG A 216 12.37 -9.83 13.80
N GLU A 217 11.56 -9.23 14.67
N GLU A 217 11.54 -9.25 14.67
CA GLU A 217 12.05 -8.74 15.97
CA GLU A 217 11.98 -8.72 15.96
C GLU A 217 12.21 -9.86 16.99
C GLU A 217 12.18 -9.84 16.98
N LEU A 218 11.20 -10.72 17.12
CA LEU A 218 11.24 -11.83 18.08
C LEU A 218 12.33 -12.87 17.73
N TYR A 219 12.53 -13.12 16.44
CA TYR A 219 13.52 -14.09 15.97
C TYR A 219 14.50 -13.45 15.00
N PRO A 220 15.62 -12.90 15.51
CA PRO A 220 16.61 -12.14 14.75
C PRO A 220 17.14 -12.83 13.49
N GLU A 221 17.21 -14.16 13.50
CA GLU A 221 17.61 -14.91 12.30
C GLU A 221 16.64 -14.77 11.12
N ILE A 222 15.34 -14.62 11.39
CA ILE A 222 14.37 -14.29 10.33
C ILE A 222 14.76 -12.96 9.70
N ASN A 223 15.13 -11.98 10.53
CA ASN A 223 15.63 -10.69 10.05
C ASN A 223 16.96 -10.78 9.27
N GLU A 224 17.85 -11.67 9.70
CA GLU A 224 19.09 -11.90 8.98
CA GLU A 224 19.11 -11.96 9.01
C GLU A 224 18.84 -12.39 7.56
N VAL A 225 17.91 -13.35 7.40
CA VAL A 225 17.49 -13.86 6.09
C VAL A 225 16.85 -12.73 5.26
N TYR A 226 15.99 -11.95 5.90
CA TYR A 226 15.32 -10.83 5.26
C TYR A 226 16.34 -9.85 4.66
N ARG A 227 17.28 -9.41 5.49
CA ARG A 227 18.36 -8.52 5.03
C ARG A 227 19.27 -9.15 3.97
N PHE A 228 19.52 -10.46 4.06
CA PHE A 228 20.32 -11.13 3.04
C PHE A 228 19.64 -11.12 1.68
N VAL A 229 18.32 -11.35 1.65
CA VAL A 229 17.56 -11.28 0.40
C VAL A 229 17.57 -9.88 -0.23
N GLU A 230 17.50 -8.83 0.59
CA GLU A 230 17.64 -7.46 0.11
C GLU A 230 19.01 -7.23 -0.51
N TYR A 231 20.06 -7.63 0.21
CA TYR A 231 21.43 -7.58 -0.29
C TYR A 231 21.57 -8.28 -1.64
N LEU A 232 20.84 -9.39 -1.82
CA LEU A 232 20.80 -10.10 -3.11
C LEU A 232 20.08 -9.32 -4.22
N GLY A 233 19.37 -8.25 -3.86
CA GLY A 233 18.71 -7.39 -4.84
C GLY A 233 17.24 -7.73 -5.11
N PHE A 234 16.60 -8.41 -4.16
CA PHE A 234 15.18 -8.74 -4.26
C PHE A 234 14.39 -8.12 -3.12
N LYS A 235 13.11 -7.90 -3.34
CA LYS A 235 12.21 -7.55 -2.25
C LYS A 235 11.81 -8.84 -1.54
N PRO A 236 12.16 -8.97 -0.23
CA PRO A 236 11.73 -10.13 0.54
C PRO A 236 10.31 -9.99 1.10
N PHE A 237 9.67 -11.12 1.30
CA PHE A 237 8.37 -11.19 1.95
C PHE A 237 8.40 -12.35 2.93
N VAL A 238 7.57 -12.25 3.95
CA VAL A 238 7.47 -13.27 5.01
C VAL A 238 6.12 -14.00 4.94
N SER A 239 6.17 -15.33 4.91
CA SER A 239 4.98 -16.18 4.95
C SER A 239 4.52 -16.41 6.39
N GLY A 240 3.20 -16.39 6.61
CA GLY A 240 2.61 -16.60 7.93
C GLY A 240 3.20 -15.73 9.03
N SER A 241 3.56 -16.34 10.16
CA SER A 241 4.23 -15.64 11.25
C SER A 241 5.73 -15.92 11.20
N GLY A 242 6.19 -16.30 10.00
CA GLY A 242 7.55 -16.76 9.81
C GLY A 242 7.60 -18.26 10.04
N SER A 243 8.77 -18.89 9.93
CA SER A 243 10.05 -18.21 9.70
CA SER A 243 10.05 -18.21 9.71
C SER A 243 10.37 -17.92 8.23
N THR A 244 9.60 -18.50 7.31
CA THR A 244 9.96 -18.41 5.88
C THR A 244 9.94 -17.00 5.30
N VAL A 245 11.03 -16.67 4.61
CA VAL A 245 11.16 -15.49 3.79
C VAL A 245 11.15 -15.99 2.36
N TYR A 246 10.34 -15.34 1.51
CA TYR A 246 10.32 -15.68 0.09
C TYR A 246 10.56 -14.44 -0.78
N PHE A 247 10.98 -14.70 -2.01
CA PHE A 247 11.13 -13.64 -2.99
C PHE A 247 10.83 -14.16 -4.39
N PHE A 248 10.56 -13.24 -5.31
CA PHE A 248 10.22 -13.60 -6.70
C PHE A 248 11.45 -13.54 -7.60
N GLY A 249 12.21 -14.62 -7.60
CA GLY A 249 13.47 -14.71 -8.32
C GLY A 249 14.12 -16.05 -8.03
N GLY A 250 15.26 -16.30 -8.68
CA GLY A 250 15.98 -17.54 -8.51
C GLY A 250 17.04 -17.47 -7.43
N ALA A 251 17.54 -18.63 -7.01
CA ALA A 251 18.62 -18.71 -6.03
C ALA A 251 19.98 -18.69 -6.73
N SER A 252 20.79 -17.69 -6.40
CA SER A 252 22.15 -17.64 -6.90
C SER A 252 23.04 -18.58 -6.10
N GLU A 253 24.24 -18.90 -6.60
CA GLU A 253 25.22 -19.71 -5.86
C GLU A 253 25.60 -19.09 -4.51
N GLU A 254 25.61 -17.77 -4.46
CA GLU A 254 25.94 -17.07 -3.22
C GLU A 254 24.89 -17.32 -2.12
N LEU A 255 23.61 -17.23 -2.47
CA LEU A 255 22.53 -17.61 -1.55
C LEU A 255 22.64 -19.08 -1.12
N LYS A 256 22.81 -19.98 -2.09
CA LYS A 256 22.97 -21.42 -1.80
C LYS A 256 24.14 -21.69 -0.85
N LYS A 257 25.23 -20.95 -1.06
CA LYS A 257 26.40 -21.03 -0.19
C LYS A 257 26.05 -20.54 1.21
N ALA A 258 25.48 -19.34 1.31
CA ALA A 258 25.05 -18.78 2.58
C ALA A 258 24.12 -19.73 3.33
N ALA A 259 23.15 -20.30 2.62
CA ALA A 259 22.19 -21.26 3.17
C ALA A 259 22.84 -22.52 3.75
N LYS A 260 23.73 -23.13 2.96
CA LYS A 260 24.45 -24.33 3.38
CA LYS A 260 24.47 -24.33 3.37
C LYS A 260 25.29 -24.07 4.64
N MET A 261 25.95 -22.91 4.68
CA MET A 261 26.77 -22.51 5.81
C MET A 261 25.95 -22.21 7.07
N ARG A 262 24.76 -21.65 6.87
CA ARG A 262 23.94 -21.14 7.98
C ARG A 262 22.81 -22.09 8.39
N GLY A 263 22.56 -23.09 7.56
CA GLY A 263 21.53 -24.08 7.85
C GLY A 263 20.16 -23.60 7.41
N TRP A 264 20.14 -22.73 6.39
CA TRP A 264 18.88 -22.31 5.77
C TRP A 264 18.49 -23.34 4.73
N LYS A 265 17.19 -23.54 4.55
CA LYS A 265 16.71 -24.36 3.45
C LYS A 265 16.26 -23.46 2.30
N VAL A 266 16.77 -23.74 1.11
CA VAL A 266 16.42 -22.96 -0.07
C VAL A 266 15.56 -23.82 -0.97
N VAL A 267 14.34 -23.35 -1.26
CA VAL A 267 13.39 -24.10 -2.07
C VAL A 267 13.01 -23.24 -3.27
N GLU A 268 13.43 -23.70 -4.44
CA GLU A 268 13.19 -23.00 -5.68
C GLU A 268 11.96 -23.57 -6.38
N LEU A 269 10.93 -22.74 -6.50
CA LEU A 269 9.66 -23.17 -7.05
C LEU A 269 9.26 -22.33 -8.25
N GLU A 270 8.27 -22.81 -8.99
CA GLU A 270 7.73 -22.07 -10.12
C GLU A 270 6.22 -21.99 -9.94
N LEU A 271 5.67 -20.78 -9.89
CA LEU A 271 4.22 -20.61 -9.76
C LEU A 271 3.57 -20.54 -11.15
N SER B 2 0.86 54.49 -4.22
CA SER B 2 1.05 53.02 -4.37
C SER B 2 2.12 52.51 -3.41
N HIS B 3 1.71 52.30 -2.16
CA HIS B 3 2.64 51.94 -1.08
C HIS B 3 3.09 50.48 -1.22
N MET B 4 3.82 50.20 -2.29
CA MET B 4 4.11 48.83 -2.74
C MET B 4 4.41 47.89 -1.58
N ILE B 5 3.62 46.83 -1.49
CA ILE B 5 3.92 45.73 -0.58
C ILE B 5 4.21 44.45 -1.36
N LYS B 6 5.17 43.69 -0.86
CA LYS B 6 5.58 42.42 -1.45
C LYS B 6 4.93 41.27 -0.69
N VAL B 7 4.31 40.36 -1.42
CA VAL B 7 3.78 39.14 -0.81
C VAL B 7 4.20 37.92 -1.64
N LEU B 8 4.64 36.87 -0.92
CA LEU B 8 5.05 35.62 -1.52
C LEU B 8 3.88 34.66 -1.69
N SER B 9 3.87 33.95 -2.80
CA SER B 9 2.84 32.97 -3.11
C SER B 9 3.48 31.58 -3.34
N PRO B 10 3.44 30.71 -2.32
CA PRO B 10 4.14 29.43 -2.33
C PRO B 10 3.44 28.34 -3.15
N ALA B 11 4.20 27.33 -3.56
CA ALA B 11 3.65 26.17 -4.26
C ALA B 11 3.27 25.07 -3.27
N LYS B 12 2.51 24.09 -3.73
CA LYS B 12 2.29 22.87 -2.95
C LYS B 12 2.71 21.65 -3.74
N ILE B 13 2.96 20.57 -3.02
CA ILE B 13 2.92 19.25 -3.63
C ILE B 13 1.88 18.40 -2.91
N ASN B 14 1.27 17.47 -3.64
CA ASN B 14 0.47 16.41 -3.02
C ASN B 14 1.39 15.27 -2.64
N LEU B 15 1.41 14.94 -1.36
CA LEU B 15 2.14 13.79 -0.85
C LEU B 15 1.17 12.62 -0.80
N GLY B 16 0.70 12.22 -1.99
CA GLY B 16 -0.37 11.24 -2.12
C GLY B 16 -1.71 11.91 -2.41
N LEU B 17 -2.46 11.30 -3.31
CA LEU B 17 -3.83 11.69 -3.60
C LEU B 17 -4.65 10.45 -3.92
N TRP B 18 -5.88 10.41 -3.39
CA TRP B 18 -6.81 9.31 -3.67
C TRP B 18 -8.16 9.88 -4.06
N VAL B 19 -8.77 9.28 -5.07
CA VAL B 19 -10.10 9.70 -5.53
C VAL B 19 -11.12 8.73 -4.93
N LEU B 20 -12.11 9.29 -4.24
CA LEU B 20 -13.07 8.49 -3.49
C LEU B 20 -14.39 8.31 -4.24
N GLY B 21 -14.77 9.29 -5.06
CA GLY B 21 -16.00 9.19 -5.84
C GLY B 21 -16.38 10.40 -6.65
N ARG B 22 -17.51 10.29 -7.35
CA ARG B 22 -18.05 11.37 -8.17
C ARG B 22 -19.08 12.20 -7.42
N LEU B 23 -18.89 13.51 -7.45
CA LEU B 23 -19.83 14.45 -6.87
C LEU B 23 -20.82 14.89 -7.96
N PRO B 24 -22.06 15.28 -7.58
CA PRO B 24 -23.07 15.58 -8.60
C PRO B 24 -22.63 16.71 -9.54
N SER B 25 -21.62 17.44 -9.12
CA SER B 25 -21.05 18.58 -9.86
C SER B 25 -20.41 18.17 -11.18
N GLY B 26 -19.97 16.92 -11.26
CA GLY B 26 -19.00 16.49 -12.28
C GLY B 26 -17.62 16.46 -11.63
N TYR B 27 -17.56 16.94 -10.39
CA TYR B 27 -16.33 16.96 -9.61
C TYR B 27 -16.09 15.63 -8.87
N HIS B 28 -14.94 15.52 -8.24
CA HIS B 28 -14.58 14.30 -7.54
C HIS B 28 -14.28 14.55 -6.07
N GLU B 29 -14.69 13.62 -5.21
CA GLU B 29 -14.27 13.63 -3.80
C GLU B 29 -12.87 13.04 -3.71
N ILE B 30 -12.02 13.69 -2.92
CA ILE B 30 -10.64 13.23 -2.80
C ILE B 30 -10.14 13.17 -1.36
N LEU B 31 -9.03 12.46 -1.20
CA LEU B 31 -8.20 12.56 -0.01
C LEU B 31 -6.78 12.85 -0.48
N THR B 32 -6.13 13.82 0.14
CA THR B 32 -4.77 14.19 -0.21
C THR B 32 -4.02 14.79 0.98
N LEU B 33 -2.69 14.65 0.94
CA LEU B 33 -1.82 15.34 1.87
C LEU B 33 -1.13 16.50 1.16
N TYR B 34 -1.59 17.72 1.44
CA TYR B 34 -0.96 18.94 0.93
C TYR B 34 0.31 19.26 1.69
N GLN B 35 1.35 19.66 0.96
CA GLN B 35 2.57 20.16 1.58
C GLN B 35 3.02 21.45 0.89
N GLU B 36 3.05 22.54 1.64
CA GLU B 36 3.63 23.77 1.16
C GLU B 36 5.13 23.59 1.00
N ILE B 37 5.64 24.04 -0.15
CA ILE B 37 7.06 23.98 -0.43
C ILE B 37 7.64 25.40 -0.62
N PRO B 38 8.92 25.62 -0.24
CA PRO B 38 9.62 26.90 -0.44
C PRO B 38 9.93 27.26 -1.90
N PHE B 39 8.87 27.45 -2.69
CA PHE B 39 8.97 27.73 -4.11
C PHE B 39 7.88 28.75 -4.37
N TYR B 40 8.27 29.97 -4.73
CA TYR B 40 7.35 31.11 -4.67
C TYR B 40 7.16 31.89 -5.97
N ASP B 41 5.90 32.22 -6.25
CA ASP B 41 5.58 33.35 -7.11
C ASP B 41 5.83 34.62 -6.31
N GLU B 42 6.17 35.70 -7.00
CA GLU B 42 6.36 36.99 -6.34
C GLU B 42 5.28 37.98 -6.76
N ILE B 43 4.59 38.54 -5.76
CA ILE B 43 3.45 39.40 -6.01
C ILE B 43 3.68 40.83 -5.46
N TYR B 44 3.51 41.80 -6.35
CA TYR B 44 3.61 43.22 -6.00
C TYR B 44 2.21 43.78 -5.89
N ILE B 45 1.87 44.32 -4.72
CA ILE B 45 0.54 44.91 -4.50
C ILE B 45 0.63 46.44 -4.32
N ARG B 46 0.18 47.16 -5.35
CA ARG B 46 0.20 48.62 -5.36
C ARG B 46 -1.21 49.20 -5.31
N GLU B 47 -1.34 50.39 -4.72
CA GLU B 47 -2.58 51.14 -4.78
C GLU B 47 -2.79 51.67 -6.19
N GLY B 48 -3.99 51.48 -6.71
CA GLY B 48 -4.31 51.90 -8.07
C GLY B 48 -5.60 51.29 -8.55
N VAL B 49 -5.81 51.30 -9.87
CA VAL B 49 -6.98 50.67 -10.48
C VAL B 49 -6.84 49.15 -10.38
N LEU B 50 -7.96 48.46 -10.17
CA LEU B 50 -8.01 47.00 -10.13
C LEU B 50 -7.40 46.38 -11.39
N ARG B 51 -6.16 45.92 -11.24
CA ARG B 51 -5.35 45.42 -12.34
C ARG B 51 -4.69 44.12 -11.87
N VAL B 52 -4.73 43.08 -12.70
CA VAL B 52 -3.99 41.85 -12.43
C VAL B 52 -3.14 41.46 -13.65
N GLU B 53 -1.83 41.72 -13.56
CA GLU B 53 -0.92 41.40 -14.66
C GLU B 53 0.11 40.36 -14.22
N THR B 54 0.62 39.60 -15.20
CA THR B 54 1.71 38.66 -14.95
C THR B 54 2.87 38.92 -15.89
N ASN B 55 3.96 38.18 -15.67
CA ASN B 55 5.11 38.22 -16.56
C ASN B 55 5.10 37.08 -17.60
N ILE B 56 3.96 36.40 -17.73
CA ILE B 56 3.84 35.25 -18.64
C ILE B 56 2.60 35.27 -19.56
N GLY B 57 1.91 36.41 -19.59
CA GLY B 57 0.84 36.63 -20.55
C GLY B 57 -0.52 36.00 -20.24
N ILE B 58 -0.77 35.70 -18.97
CA ILE B 58 -2.09 35.23 -18.55
C ILE B 58 -3.12 36.36 -18.72
N PRO B 59 -4.20 36.10 -19.48
CA PRO B 59 -5.26 37.09 -19.60
C PRO B 59 -5.84 37.40 -18.23
N GLN B 60 -5.94 38.70 -17.91
CA GLN B 60 -6.51 39.17 -16.64
C GLN B 60 -7.89 38.57 -16.36
N GLU B 61 -8.71 38.45 -17.40
N GLU B 61 -8.70 38.47 -17.41
CA GLU B 61 -10.07 37.89 -17.28
CA GLU B 61 -10.03 37.89 -17.36
C GLU B 61 -10.08 36.39 -16.99
C GLU B 61 -10.00 36.44 -16.87
N GLU B 62 -8.99 35.70 -17.33
CA GLU B 62 -8.84 34.27 -17.00
C GLU B 62 -8.11 34.06 -15.67
N ASN B 63 -7.55 35.14 -15.13
CA ASN B 63 -6.74 35.09 -13.92
C ASN B 63 -7.60 34.90 -12.65
N LEU B 64 -7.24 33.90 -11.84
CA LEU B 64 -7.99 33.55 -10.64
C LEU B 64 -7.98 34.64 -9.57
N VAL B 65 -6.89 35.41 -9.53
CA VAL B 65 -6.78 36.54 -8.60
C VAL B 65 -7.80 37.63 -8.96
N TYR B 66 -7.95 37.87 -10.27
CA TYR B 66 -8.91 38.83 -10.77
C TYR B 66 -10.34 38.37 -10.50
N LYS B 67 -10.62 37.10 -10.77
CA LYS B 67 -11.92 36.49 -10.49
C LYS B 67 -12.28 36.59 -9.01
N GLY B 68 -11.29 36.36 -8.15
CA GLY B 68 -11.47 36.49 -6.70
C GLY B 68 -11.74 37.90 -6.22
N LEU B 69 -10.95 38.86 -6.74
CA LEU B 69 -11.12 40.27 -6.38
C LEU B 69 -12.43 40.88 -6.89
N ARG B 70 -12.86 40.47 -8.08
CA ARG B 70 -14.15 40.90 -8.64
C ARG B 70 -15.32 40.32 -7.86
N GLU B 71 -15.17 39.08 -7.39
CA GLU B 71 -16.14 38.45 -6.51
C GLU B 71 -16.13 39.11 -5.13
N PHE B 72 -14.92 39.46 -4.67
CA PHE B 72 -14.74 40.22 -3.42
C PHE B 72 -15.60 41.47 -3.48
N GLU B 73 -15.45 42.25 -4.55
CA GLU B 73 -16.24 43.46 -4.81
C GLU B 73 -17.75 43.20 -4.84
N ARG B 74 -18.14 42.09 -5.48
CA ARG B 74 -19.54 41.71 -5.61
C ARG B 74 -20.18 41.41 -4.26
N ILE B 75 -19.43 40.72 -3.40
CA ILE B 75 -19.92 40.29 -2.08
C ILE B 75 -19.89 41.43 -1.06
N THR B 76 -18.73 42.06 -0.95
CA THR B 76 -18.47 43.05 0.11
C THR B 76 -19.03 44.44 -0.22
N GLY B 77 -19.28 44.71 -1.49
CA GLY B 77 -19.76 46.03 -1.94
C GLY B 77 -18.66 47.09 -1.99
N ILE B 78 -17.52 46.79 -1.38
CA ILE B 78 -16.36 47.68 -1.35
C ILE B 78 -15.64 47.68 -2.70
N GLU B 79 -15.06 48.82 -3.07
CA GLU B 79 -14.29 48.94 -4.29
C GLU B 79 -12.84 48.55 -4.06
N ILE B 80 -12.34 47.61 -4.87
CA ILE B 80 -10.93 47.21 -4.76
C ILE B 80 -10.09 48.16 -5.60
N ASN B 81 -9.29 48.96 -4.91
CA ASN B 81 -8.34 49.87 -5.56
C ASN B 81 -6.91 49.40 -5.33
N TYR B 82 -6.59 48.28 -5.95
CA TYR B 82 -5.24 47.70 -5.89
C TYR B 82 -4.85 47.12 -7.24
N SER B 83 -3.62 47.42 -7.65
CA SER B 83 -3.00 46.82 -8.83
C SER B 83 -2.10 45.69 -8.38
N ILE B 84 -2.28 44.53 -9.01
CA ILE B 84 -1.54 43.32 -8.67
C ILE B 84 -0.65 42.91 -9.84
N PHE B 85 0.65 42.82 -9.60
CA PHE B 85 1.55 42.22 -10.57
C PHE B 85 2.16 40.92 -10.02
N ILE B 86 2.03 39.84 -10.80
CA ILE B 86 2.50 38.53 -10.37
C ILE B 86 3.66 38.08 -11.25
N GLN B 87 4.83 37.93 -10.62
CA GLN B 87 5.96 37.24 -11.23
C GLN B 87 5.73 35.73 -11.06
N LYS B 88 5.48 35.06 -12.17
CA LYS B 88 5.13 33.64 -12.14
C LYS B 88 6.37 32.74 -12.26
N ASN B 89 6.78 32.18 -11.13
CA ASN B 89 7.87 31.22 -11.07
C ASN B 89 7.33 29.79 -11.04
N ILE B 90 6.13 29.62 -10.51
CA ILE B 90 5.45 28.33 -10.46
C ILE B 90 4.76 28.14 -11.80
N PRO B 91 5.25 27.17 -12.60
CA PRO B 91 4.69 27.01 -13.93
C PRO B 91 3.23 26.54 -13.88
N PRO B 92 2.36 27.16 -14.70
CA PRO B 92 0.97 26.69 -14.82
C PRO B 92 0.92 25.29 -15.43
N GLY B 93 0.08 24.42 -14.86
CA GLY B 93 -0.06 23.05 -15.32
C GLY B 93 0.98 22.08 -14.80
N ALA B 94 1.72 22.50 -13.77
CA ALA B 94 2.76 21.68 -13.16
C ALA B 94 2.27 20.91 -11.93
N GLY B 95 0.99 21.04 -11.61
CA GLY B 95 0.40 20.34 -10.47
C GLY B 95 0.80 20.91 -9.12
N LEU B 96 1.21 22.17 -9.12
CA LEU B 96 1.83 22.76 -7.93
C LEU B 96 0.97 23.83 -7.24
N GLY B 97 -0.27 23.97 -7.70
CA GLY B 97 -1.26 24.86 -7.08
C GLY B 97 -0.98 26.35 -7.20
N GLY B 98 -0.09 26.74 -8.11
CA GLY B 98 0.36 28.13 -8.24
C GLY B 98 -0.73 29.18 -8.39
N GLY B 99 -1.70 28.91 -9.26
CA GLY B 99 -2.85 29.79 -9.44
C GLY B 99 -3.75 29.91 -8.23
N SER B 100 -3.96 28.78 -7.55
CA SER B 100 -4.78 28.72 -6.35
C SER B 100 -4.09 29.42 -5.18
N SER B 101 -2.77 29.30 -5.14
CA SER B 101 -1.94 30.01 -4.17
C SER B 101 -2.01 31.52 -4.35
N ASN B 102 -1.93 31.98 -5.60
CA ASN B 102 -2.01 33.40 -5.93
C ASN B 102 -3.33 33.97 -5.44
N LEU B 103 -4.42 33.34 -5.87
CA LEU B 103 -5.75 33.66 -5.40
C LEU B 103 -5.80 33.83 -3.88
N ALA B 104 -5.41 32.77 -3.17
CA ALA B 104 -5.52 32.73 -1.71
C ALA B 104 -4.72 33.81 -0.99
N VAL B 105 -3.45 33.98 -1.36
CA VAL B 105 -2.57 34.93 -0.67
C VAL B 105 -2.95 36.39 -0.90
N VAL B 106 -3.35 36.72 -2.13
CA VAL B 106 -3.75 38.08 -2.50
C VAL B 106 -5.06 38.50 -1.81
N LEU B 107 -6.08 37.65 -1.91
CA LEU B 107 -7.37 37.92 -1.27
C LEU B 107 -7.29 37.99 0.26
N LYS B 108 -6.41 37.20 0.85
CA LYS B 108 -6.14 37.28 2.29
C LYS B 108 -5.51 38.62 2.66
N LYS B 109 -4.59 39.09 1.81
CA LYS B 109 -3.87 40.35 2.06
C LYS B 109 -4.74 41.57 1.78
N VAL B 110 -5.48 41.55 0.68
CA VAL B 110 -6.42 42.63 0.35
C VAL B 110 -7.50 42.77 1.43
N ASN B 111 -8.04 41.65 1.89
CA ASN B 111 -9.01 41.63 3.00
C ASN B 111 -8.45 42.36 4.23
N GLU B 112 -7.26 41.95 4.66
CA GLU B 112 -6.55 42.56 5.79
C GLU B 112 -6.27 44.05 5.57
N LEU B 113 -5.98 44.42 4.33
CA LEU B 113 -5.68 45.82 3.99
C LEU B 113 -6.94 46.69 4.03
N LEU B 114 -8.08 46.09 3.70
CA LEU B 114 -9.36 46.79 3.75
C LEU B 114 -10.08 46.59 5.10
N GLY B 115 -9.31 46.28 6.14
CA GLY B 115 -9.83 46.18 7.51
C GLY B 115 -10.58 44.92 7.85
N SER B 116 -10.34 43.86 7.08
CA SER B 116 -10.97 42.54 7.26
C SER B 116 -12.52 42.52 7.22
N PRO B 117 -13.12 42.98 6.11
CA PRO B 117 -14.58 42.85 5.94
C PRO B 117 -15.08 41.41 5.87
N LEU B 118 -14.20 40.47 5.53
CA LEU B 118 -14.56 39.05 5.58
C LEU B 118 -13.96 38.36 6.80
N SER B 119 -14.73 37.45 7.38
CA SER B 119 -14.21 36.55 8.41
C SER B 119 -13.38 35.43 7.76
N GLU B 120 -12.65 34.67 8.58
CA GLU B 120 -11.91 33.48 8.14
C GLU B 120 -12.77 32.60 7.21
N GLU B 121 -14.00 32.34 7.65
CA GLU B 121 -14.91 31.42 6.95
C GLU B 121 -15.37 31.96 5.59
N GLU B 122 -15.69 33.25 5.55
CA GLU B 122 -16.14 33.93 4.32
C GLU B 122 -15.01 34.06 3.30
N LEU B 123 -13.79 34.31 3.80
CA LEU B 123 -12.60 34.40 2.94
C LEU B 123 -12.24 33.03 2.37
N ARG B 124 -12.29 32.03 3.24
CA ARG B 124 -12.10 30.63 2.85
C ARG B 124 -13.11 30.21 1.80
N GLU B 125 -14.39 30.44 2.08
CA GLU B 125 -15.48 30.08 1.17
C GLU B 125 -15.44 30.83 -0.17
N LEU B 126 -14.96 32.07 -0.16
CA LEU B 126 -14.78 32.85 -1.38
C LEU B 126 -13.71 32.20 -2.29
N VAL B 127 -12.50 31.99 -1.77
CA VAL B 127 -11.41 31.39 -2.55
C VAL B 127 -11.71 29.94 -2.95
N GLY B 128 -12.35 29.20 -2.06
CA GLY B 128 -12.73 27.81 -2.31
C GLY B 128 -13.82 27.60 -3.35
N SER B 129 -14.68 28.60 -3.54
CA SER B 129 -15.72 28.57 -4.57
C SER B 129 -15.15 28.76 -5.97
N ILE B 130 -13.95 29.35 -6.04
CA ILE B 130 -13.23 29.53 -7.30
C ILE B 130 -12.22 28.39 -7.54
N SER B 131 -11.57 27.92 -6.48
CA SER B 131 -10.65 26.78 -6.58
C SER B 131 -10.57 25.96 -5.28
N ALA B 132 -10.78 24.65 -5.38
CA ALA B 132 -10.77 23.74 -4.23
C ALA B 132 -9.40 23.65 -3.53
N ASP B 133 -8.34 23.93 -4.29
CA ASP B 133 -6.97 23.95 -3.76
C ASP B 133 -6.58 25.23 -3.01
N ALA B 134 -7.35 26.31 -3.23
CA ALA B 134 -7.01 27.61 -2.65
C ALA B 134 -7.09 27.68 -1.12
N PRO B 135 -8.16 27.13 -0.51
CA PRO B 135 -8.22 27.17 0.95
C PRO B 135 -6.95 26.68 1.66
N PHE B 136 -6.28 25.65 1.12
CA PHE B 136 -5.06 25.15 1.76
C PHE B 136 -4.01 26.23 1.93
N PHE B 137 -3.93 27.11 0.94
CA PHE B 137 -2.93 28.17 0.94
C PHE B 137 -3.22 29.31 1.93
N LEU B 138 -4.39 29.27 2.57
CA LEU B 138 -4.69 30.14 3.70
C LEU B 138 -4.14 29.53 4.98
N LEU B 139 -3.74 28.27 4.92
CA LEU B 139 -3.11 27.57 6.05
C LEU B 139 -1.61 27.39 5.83
N GLY B 140 -1.26 26.78 4.71
CA GLY B 140 0.12 26.39 4.43
C GLY B 140 0.55 25.23 5.29
N LYS B 141 1.86 25.06 5.43
CA LYS B 141 2.45 23.93 6.15
C LYS B 141 1.96 22.59 5.58
N SER B 142 1.49 21.69 6.44
CA SER B 142 0.96 20.40 6.03
C SER B 142 -0.51 20.31 6.45
N ALA B 143 -1.34 19.80 5.55
CA ALA B 143 -2.76 19.56 5.84
C ALA B 143 -3.32 18.43 5.00
N ILE B 144 -4.20 17.63 5.60
CA ILE B 144 -5.01 16.66 4.88
C ILE B 144 -6.19 17.41 4.25
N GLY B 145 -6.39 17.21 2.95
CA GLY B 145 -7.52 17.78 2.22
C GLY B 145 -8.63 16.75 2.01
N ARG B 146 -9.84 17.10 2.40
CA ARG B 146 -11.03 16.26 2.17
C ARG B 146 -12.08 17.01 1.35
N GLY B 147 -13.20 16.35 1.08
CA GLY B 147 -14.19 16.88 0.14
C GLY B 147 -13.57 16.95 -1.24
N LYS B 148 -13.53 18.14 -1.83
CA LYS B 148 -12.82 18.34 -3.10
C LYS B 148 -11.38 18.78 -2.86
N GLY B 149 -11.00 18.88 -1.58
CA GLY B 149 -9.69 19.36 -1.18
C GLY B 149 -9.80 20.51 -0.19
N GLU B 150 -10.93 21.19 -0.21
CA GLU B 150 -11.16 22.42 0.56
C GLU B 150 -11.42 22.19 2.06
N VAL B 151 -11.74 20.95 2.44
CA VAL B 151 -11.98 20.61 3.85
C VAL B 151 -10.68 20.13 4.49
N LEU B 152 -10.10 20.95 5.36
CA LEU B 152 -8.72 20.77 5.78
C LEU B 152 -8.52 20.43 7.25
N GLU B 153 -7.53 19.57 7.49
CA GLU B 153 -7.10 19.19 8.83
C GLU B 153 -5.59 19.38 8.90
N PRO B 154 -5.14 20.43 9.61
CA PRO B 154 -3.71 20.66 9.78
C PRO B 154 -3.05 19.48 10.48
N VAL B 155 -1.95 19.01 9.93
CA VAL B 155 -1.20 17.91 10.52
C VAL B 155 0.28 18.26 10.60
N GLU B 156 1.01 17.55 11.46
CA GLU B 156 2.46 17.67 11.54
C GLU B 156 3.06 16.33 11.15
N THR B 157 3.90 16.35 10.12
CA THR B 157 4.50 15.13 9.56
C THR B 157 5.93 14.91 10.04
N GLU B 158 6.41 13.68 9.89
CA GLU B 158 7.81 13.34 10.17
C GLU B 158 8.64 13.36 8.88
N ILE B 159 8.14 14.04 7.86
CA ILE B 159 8.84 14.16 6.59
C ILE B 159 9.76 15.37 6.62
N SER B 160 11.04 15.14 6.32
CA SER B 160 12.06 16.19 6.30
C SER B 160 13.15 15.89 5.25
N GLY B 161 13.90 16.92 4.89
CA GLY B 161 15.09 16.72 4.05
C GLY B 161 14.91 17.17 2.61
N LYS B 162 15.74 16.62 1.73
CA LYS B 162 15.75 17.00 0.33
C LYS B 162 14.55 16.45 -0.46
N ILE B 163 13.92 17.35 -1.20
CA ILE B 163 12.94 17.00 -2.23
C ILE B 163 13.34 17.75 -3.48
N THR B 164 13.36 17.06 -4.61
CA THR B 164 13.71 17.68 -5.88
C THR B 164 12.51 17.57 -6.84
N LEU B 165 12.16 18.70 -7.45
CA LEU B 165 11.13 18.72 -8.48
C LEU B 165 11.79 18.64 -9.85
N VAL B 166 11.23 17.83 -10.71
CA VAL B 166 11.65 17.78 -12.10
C VAL B 166 10.41 18.04 -12.92
N ILE B 167 10.30 19.28 -13.40
CA ILE B 167 9.10 19.79 -14.03
C ILE B 167 9.24 19.69 -15.54
N PRO B 168 8.38 18.87 -16.18
CA PRO B 168 8.40 18.76 -17.63
C PRO B 168 7.86 20.04 -18.23
N GLN B 169 8.07 20.23 -19.53
CA GLN B 169 7.56 21.41 -20.21
CA GLN B 169 7.56 21.42 -20.20
C GLN B 169 6.06 21.32 -20.42
N VAL B 170 5.56 20.12 -20.69
CA VAL B 170 4.13 19.90 -20.93
C VAL B 170 3.27 20.41 -19.77
N SER B 171 2.19 21.12 -20.12
CA SER B 171 1.25 21.64 -19.15
C SER B 171 0.09 20.66 -19.07
N SER B 172 -0.06 20.03 -17.91
CA SER B 172 -1.11 19.04 -17.71
C SER B 172 -2.47 19.67 -17.41
N SER B 173 -3.49 19.22 -18.13
CA SER B 173 -4.87 19.66 -17.89
C SER B 173 -5.52 18.81 -16.78
N THR B 174 -5.82 19.46 -15.66
CA THR B 174 -6.50 18.83 -14.52
C THR B 174 -7.87 18.28 -14.93
N GLY B 175 -8.60 19.07 -15.72
CA GLY B 175 -9.90 18.65 -16.26
C GLY B 175 -9.81 17.39 -17.09
N ARG B 176 -8.86 17.35 -18.03
CA ARG B 176 -8.66 16.18 -18.90
C ARG B 176 -8.22 14.92 -18.14
N VAL B 177 -7.42 15.10 -17.09
CA VAL B 177 -6.93 14.00 -16.27
C VAL B 177 -8.07 13.37 -15.47
N TYR B 178 -8.85 14.20 -14.78
CA TYR B 178 -10.01 13.72 -14.02
C TYR B 178 -11.05 13.06 -14.93
N SER B 179 -11.13 13.54 -16.18
CA SER B 179 -12.06 13.01 -17.19
C SER B 179 -11.69 11.62 -17.68
N SER B 180 -10.40 11.28 -17.60
CA SER B 180 -9.91 9.99 -18.10
C SER B 180 -9.92 8.93 -17.00
N LEU B 181 -10.48 9.32 -15.86
CA LEU B 181 -10.58 8.50 -14.66
C LEU B 181 -11.64 7.40 -14.86
N ARG B 182 -11.24 6.17 -14.54
CA ARG B 182 -12.10 4.99 -14.63
C ARG B 182 -12.48 4.49 -13.23
N GLU B 183 -13.43 3.57 -13.17
CA GLU B 183 -13.94 3.01 -11.91
CA GLU B 183 -13.94 3.00 -11.92
C GLU B 183 -12.87 2.31 -11.08
N GLU B 184 -11.92 1.65 -11.76
CA GLU B 184 -10.86 0.89 -11.11
CA GLU B 184 -10.87 0.89 -11.10
C GLU B 184 -9.86 1.78 -10.35
N HIS B 185 -9.94 3.09 -10.59
CA HIS B 185 -9.06 4.08 -9.98
C HIS B 185 -9.52 4.52 -8.60
N PHE B 186 -10.82 4.38 -8.32
CA PHE B 186 -11.40 4.80 -7.05
C PHE B 186 -11.01 3.87 -5.90
N VAL B 187 -10.90 4.43 -4.70
CA VAL B 187 -10.70 3.66 -3.48
C VAL B 187 -11.66 4.14 -2.39
N THR B 188 -11.79 3.35 -1.33
CA THR B 188 -12.55 3.73 -0.14
C THR B 188 -11.77 4.75 0.66
N PRO B 189 -12.46 5.61 1.43
CA PRO B 189 -11.77 6.56 2.29
C PRO B 189 -10.88 5.90 3.34
N GLU B 190 -11.28 4.71 3.80
CA GLU B 190 -10.54 3.96 4.82
C GLU B 190 -9.16 3.52 4.32
N TYR B 191 -9.11 3.03 3.09
CA TYR B 191 -7.84 2.70 2.46
C TYR B 191 -6.92 3.93 2.44
N ALA B 192 -7.41 5.03 1.86
CA ALA B 192 -6.64 6.27 1.73
C ALA B 192 -6.16 6.83 3.05
N GLU B 193 -7.02 6.73 4.08
CA GLU B 193 -6.69 7.17 5.42
CA GLU B 193 -6.70 7.17 5.43
C GLU B 193 -5.51 6.40 6.01
N GLU B 194 -5.54 5.07 5.88
CA GLU B 194 -4.42 4.25 6.31
C GLU B 194 -3.09 4.66 5.62
N LYS B 195 -3.14 4.86 4.30
CA LYS B 195 -1.98 5.33 3.53
C LYS B 195 -1.46 6.68 4.02
N ILE B 196 -2.36 7.66 4.22
CA ILE B 196 -1.99 9.02 4.61
C ILE B 196 -1.36 9.08 6.01
N GLN B 197 -1.91 8.32 6.96
CA GLN B 197 -1.31 8.25 8.31
C GLN B 197 0.12 7.74 8.26
N ARG B 198 0.37 6.74 7.42
CA ARG B 198 1.73 6.20 7.21
C ARG B 198 2.68 7.24 6.61
N ILE B 199 2.23 7.93 5.57
CA ILE B 199 2.99 9.02 4.94
C ILE B 199 3.33 10.11 5.96
N ILE B 200 2.35 10.49 6.79
CA ILE B 200 2.58 11.48 7.86
C ILE B 200 3.70 11.05 8.83
N SER B 201 3.75 9.76 9.16
CA SER B 201 4.84 9.23 10.01
C SER B 201 6.22 9.20 9.32
N GLY B 202 6.27 9.58 8.04
CA GLY B 202 7.53 9.63 7.29
C GLY B 202 7.76 8.48 6.32
N GLU B 203 6.75 7.61 6.18
CA GLU B 203 6.83 6.47 5.26
C GLU B 203 6.41 6.91 3.86
N VAL B 204 7.29 7.66 3.20
CA VAL B 204 7.03 8.30 1.90
C VAL B 204 6.92 7.28 0.75
N GLU B 205 7.40 6.07 1.00
CA GLU B 205 7.21 4.95 0.10
C GLU B 205 5.70 4.67 -0.17
N GLU B 206 4.87 5.05 0.79
CA GLU B 206 3.41 4.87 0.71
C GLU B 206 2.68 5.89 -0.19
N ILE B 207 3.40 6.90 -0.68
CA ILE B 207 2.81 7.87 -1.58
C ILE B 207 2.40 7.22 -2.89
N GLU B 208 1.17 7.50 -3.31
CA GLU B 208 0.67 7.14 -4.63
C GLU B 208 -0.35 8.17 -5.09
N ASN B 209 -0.59 8.21 -6.39
CA ASN B 209 -1.47 9.23 -6.97
C ASN B 209 -1.96 8.76 -8.32
N VAL B 210 -3.23 8.40 -8.37
CA VAL B 210 -3.85 7.87 -9.59
C VAL B 210 -3.98 8.91 -10.71
N LEU B 211 -4.09 10.19 -10.34
CA LEU B 211 -4.11 11.25 -11.35
C LEU B 211 -2.77 11.34 -12.07
N GLY B 212 -1.69 11.07 -11.32
CA GLY B 212 -0.35 10.95 -11.89
C GLY B 212 -0.18 9.77 -12.82
N ASP B 213 -0.77 8.61 -12.47
CA ASP B 213 -0.82 7.44 -13.36
C ASP B 213 -1.46 7.76 -14.71
N ILE B 214 -2.55 8.51 -14.67
CA ILE B 214 -3.27 8.92 -15.87
C ILE B 214 -2.50 9.98 -16.63
N ALA B 215 -2.00 10.98 -15.90
CA ALA B 215 -1.18 12.04 -16.51
C ALA B 215 -0.04 11.43 -17.30
N ARG B 216 0.60 10.41 -16.72
CA ARG B 216 1.70 9.69 -17.39
C ARG B 216 1.30 9.02 -18.69
N GLU B 217 0.01 8.67 -18.83
CA GLU B 217 -0.52 8.05 -20.04
CA GLU B 217 -0.54 8.05 -20.03
C GLU B 217 -0.97 9.08 -21.07
N LEU B 218 -1.58 10.16 -20.61
CA LEU B 218 -2.04 11.23 -21.49
C LEU B 218 -0.90 12.14 -21.99
N TYR B 219 0.16 12.27 -21.19
CA TYR B 219 1.30 13.10 -21.56
C TYR B 219 2.62 12.32 -21.45
N PRO B 220 3.06 11.69 -22.56
CA PRO B 220 4.29 10.88 -22.61
C PRO B 220 5.54 11.50 -21.99
N GLU B 221 5.71 12.83 -22.05
CA GLU B 221 6.85 13.50 -21.42
C GLU B 221 6.92 13.34 -19.90
N ILE B 222 5.76 13.31 -19.23
CA ILE B 222 5.72 13.09 -17.78
C ILE B 222 6.24 11.68 -17.46
N ASN B 223 5.83 10.72 -18.27
CA ASN B 223 6.34 9.35 -18.15
C ASN B 223 7.87 9.30 -18.28
N GLU B 224 8.41 10.05 -19.24
CA GLU B 224 9.87 10.08 -19.47
C GLU B 224 10.62 10.71 -18.30
N VAL B 225 10.04 11.74 -17.69
CA VAL B 225 10.61 12.29 -16.46
C VAL B 225 10.54 11.23 -15.35
N TYR B 226 9.37 10.61 -15.21
CA TYR B 226 9.15 9.55 -14.22
C TYR B 226 10.15 8.40 -14.40
N ARG B 227 10.28 7.92 -15.63
CA ARG B 227 11.24 6.87 -15.97
C ARG B 227 12.71 7.28 -15.75
N PHE B 228 13.05 8.52 -16.09
CA PHE B 228 14.43 9.00 -15.92
C PHE B 228 14.84 9.01 -14.45
N VAL B 229 13.94 9.48 -13.58
CA VAL B 229 14.17 9.50 -12.14
C VAL B 229 14.37 8.07 -11.59
N GLU B 230 13.57 7.13 -12.08
CA GLU B 230 13.76 5.71 -11.79
C GLU B 230 15.15 5.24 -12.21
N TYR B 231 15.55 5.56 -13.45
CA TYR B 231 16.88 5.21 -13.95
C TYR B 231 17.99 5.73 -13.03
N LEU B 232 17.81 6.92 -12.48
CA LEU B 232 18.80 7.53 -11.59
C LEU B 232 18.85 6.84 -10.22
N GLY B 233 17.93 5.91 -9.98
CA GLY B 233 17.91 5.13 -8.74
C GLY B 233 17.05 5.72 -7.64
N PHE B 234 16.17 6.64 -8.00
CA PHE B 234 15.23 7.22 -7.04
C PHE B 234 13.80 6.79 -7.33
N LYS B 235 12.97 6.79 -6.30
CA LYS B 235 11.53 6.56 -6.46
CA LYS B 235 11.54 6.56 -6.46
C LYS B 235 10.85 7.90 -6.78
N PRO B 236 10.24 8.00 -7.97
CA PRO B 236 9.52 9.21 -8.34
C PRO B 236 8.07 9.22 -7.85
N PHE B 237 7.52 10.43 -7.72
CA PHE B 237 6.13 10.63 -7.31
C PHE B 237 5.59 11.78 -8.17
N VAL B 238 4.27 11.85 -8.33
CA VAL B 238 3.64 12.90 -9.13
C VAL B 238 2.76 13.82 -8.26
N SER B 239 2.93 15.13 -8.46
CA SER B 239 2.11 16.13 -7.77
C SER B 239 0.86 16.49 -8.59
N GLY B 240 -0.24 16.75 -7.90
CA GLY B 240 -1.50 17.12 -8.53
C GLY B 240 -1.92 16.12 -9.59
N SER B 241 -2.31 16.64 -10.75
CA SER B 241 -2.58 15.82 -11.92
C SER B 241 -1.43 15.94 -12.93
N GLY B 242 -0.20 16.03 -12.41
CA GLY B 242 0.96 16.34 -13.24
C GLY B 242 1.03 17.85 -13.43
N SER B 243 2.12 18.38 -13.97
CA SER B 243 3.18 17.62 -14.63
C SER B 243 4.35 17.19 -13.75
N THR B 244 4.55 17.90 -12.63
CA THR B 244 5.73 17.74 -11.79
C THR B 244 5.91 16.31 -11.25
N VAL B 245 7.12 15.78 -11.47
CA VAL B 245 7.61 14.59 -10.81
C VAL B 245 8.59 15.03 -9.73
N TYR B 246 8.43 14.52 -8.51
CA TYR B 246 9.37 14.81 -7.43
C TYR B 246 9.94 13.53 -6.84
N PHE B 247 11.06 13.68 -6.13
CA PHE B 247 11.69 12.56 -5.41
C PHE B 247 12.42 13.07 -4.19
N PHE B 248 12.59 12.19 -3.21
CA PHE B 248 13.29 12.53 -1.98
C PHE B 248 14.80 12.29 -2.13
N GLY B 249 15.49 13.35 -2.51
CA GLY B 249 16.94 13.33 -2.70
C GLY B 249 17.38 14.54 -3.51
N GLY B 250 18.69 14.78 -3.52
CA GLY B 250 19.25 15.93 -4.24
C GLY B 250 19.35 15.73 -5.74
N ALA B 251 19.53 16.84 -6.45
CA ALA B 251 19.80 16.78 -7.88
C ALA B 251 21.29 16.49 -8.14
N SER B 252 21.53 15.51 -9.00
CA SER B 252 22.88 15.15 -9.41
C SER B 252 23.24 15.90 -10.69
N GLU B 253 24.53 15.95 -11.01
CA GLU B 253 24.98 16.60 -12.24
C GLU B 253 24.47 15.90 -13.50
N GLU B 254 24.21 14.58 -13.40
CA GLU B 254 23.61 13.85 -14.51
C GLU B 254 22.15 14.26 -14.75
N LEU B 255 21.39 14.43 -13.65
CA LEU B 255 20.03 14.97 -13.72
C LEU B 255 20.02 16.40 -14.25
N LYS B 256 20.85 17.26 -13.64
CA LYS B 256 20.95 18.67 -14.08
C LYS B 256 21.25 18.79 -15.57
N LYS B 257 22.19 17.98 -16.05
CA LYS B 257 22.59 17.99 -17.46
C LYS B 257 21.46 17.53 -18.40
N ALA B 258 20.78 16.45 -18.03
CA ALA B 258 19.69 15.91 -18.85
C ALA B 258 18.45 16.81 -18.86
N ALA B 259 18.21 17.49 -17.73
CA ALA B 259 17.12 18.46 -17.60
C ALA B 259 17.36 19.70 -18.48
N LYS B 260 18.56 20.27 -18.42
CA LYS B 260 18.94 21.42 -19.25
C LYS B 260 18.79 21.14 -20.74
N MET B 261 19.05 19.90 -21.15
CA MET B 261 19.00 19.50 -22.55
C MET B 261 17.57 19.35 -23.04
N ARG B 262 16.67 18.95 -22.15
CA ARG B 262 15.30 18.67 -22.58
C ARG B 262 14.28 19.71 -22.10
N GLY B 263 14.75 20.66 -21.28
CA GLY B 263 13.94 21.82 -20.90
C GLY B 263 13.29 21.73 -19.53
N TRP B 264 13.66 20.70 -18.77
CA TRP B 264 13.05 20.43 -17.49
C TRP B 264 13.58 21.39 -16.44
N LYS B 265 12.66 21.96 -15.66
CA LYS B 265 13.06 22.79 -14.53
C LYS B 265 13.33 21.87 -13.36
N VAL B 266 14.51 22.03 -12.77
CA VAL B 266 14.89 21.27 -11.60
C VAL B 266 14.83 22.22 -10.43
N VAL B 267 13.92 21.95 -9.51
CA VAL B 267 13.77 22.78 -8.33
C VAL B 267 14.18 21.97 -7.12
N GLU B 268 15.28 22.39 -6.51
CA GLU B 268 15.80 21.73 -5.32
C GLU B 268 15.25 22.41 -4.08
N LEU B 269 14.63 21.63 -3.23
CA LEU B 269 14.03 22.13 -2.02
C LEU B 269 14.56 21.32 -0.86
N GLU B 270 14.47 21.91 0.33
CA GLU B 270 14.73 21.18 1.53
C GLU B 270 13.66 21.55 2.55
N LEU B 271 13.16 20.55 3.28
CA LEU B 271 12.09 20.76 4.26
C LEU B 271 12.60 20.54 5.68
#